data_3X38
#
_entry.id   3X38
#
_cell.length_a   34.094
_cell.length_b   60.538
_cell.length_c   93.130
_cell.angle_alpha   90.00
_cell.angle_beta   94.10
_cell.angle_gamma   90.00
#
_symmetry.space_group_name_H-M   'P 1 21 1'
#
loop_
_entity.id
_entity.type
_entity.pdbx_description
1 polymer 'Mitochondrial morphogenesis protein SLD7'
2 non-polymer 'SULFATE ION'
3 non-polymer GLYCEROL
4 water water
#
_entity_poly.entity_id   1
_entity_poly.type   'polypeptide(L)'
_entity_poly.pdbx_seq_one_letter_code
;MNDKRLQFNETLSKLILGGLRLRGISNSITDYQKLYKITFDAAEFTHRDELKRISMGSGEEVSFESLQETVETLLKLFTK
SLEHHHHHH
;
_entity_poly.pdbx_strand_id   A,B,C,D
#
# COMPACT_ATOMS: atom_id res chain seq x y z
N LYS A 4 -2.90 3.36 22.57
CA LYS A 4 -2.11 4.44 23.12
C LYS A 4 -3.07 5.41 23.80
N ARG A 5 -2.93 5.70 25.10
CA ARG A 5 -1.74 5.62 25.97
C ARG A 5 -0.57 6.43 25.43
N LEU A 6 -0.49 7.65 25.93
CA LEU A 6 0.55 8.56 25.53
C LEU A 6 1.89 8.16 26.11
N GLN A 7 1.89 7.58 27.30
CA GLN A 7 3.16 7.17 27.91
C GLN A 7 3.87 6.10 27.08
N PHE A 8 3.09 5.18 26.52
CA PHE A 8 3.65 4.19 25.60
C PHE A 8 4.37 4.90 24.46
N ASN A 9 3.72 5.89 23.86
CA ASN A 9 4.32 6.61 22.74
C ASN A 9 5.60 7.35 23.15
N GLU A 10 5.56 8.03 24.28
CA GLU A 10 6.75 8.74 24.75
C GLU A 10 7.92 7.79 25.06
N THR A 11 7.64 6.65 25.68
CA THR A 11 8.70 5.69 26.00
C THR A 11 9.22 5.00 24.74
N LEU A 12 8.31 4.68 23.84
CA LEU A 12 8.69 4.01 22.60
C LEU A 12 9.70 4.86 21.84
N SER A 13 9.43 6.16 21.75
CA SER A 13 10.35 7.08 21.08
C SER A 13 11.73 7.02 21.72
N LYS A 14 11.77 7.12 23.04
CA LYS A 14 13.05 7.08 23.75
C LYS A 14 13.81 5.77 23.52
N LEU A 15 13.09 4.65 23.51
CA LEU A 15 13.73 3.34 23.32
C LEU A 15 14.29 3.19 21.91
N ILE A 16 13.59 3.73 20.91
CA ILE A 16 14.12 3.65 19.56
C ILE A 16 15.35 4.54 19.43
N LEU A 17 15.25 5.77 19.90
CA LEU A 17 16.39 6.69 19.84
C LEU A 17 17.58 6.09 20.57
N GLY A 18 17.30 5.48 21.70
CA GLY A 18 18.36 4.87 22.51
C GLY A 18 18.97 3.66 21.86
N GLY A 19 18.14 2.83 21.23
CA GLY A 19 18.60 1.65 20.55
C GLY A 19 19.46 2.02 19.35
N LEU A 20 19.09 3.08 18.65
CA LEU A 20 19.87 3.52 17.52
C LEU A 20 21.20 4.09 18.00
N ARG A 21 21.17 4.85 19.10
CA ARG A 21 22.39 5.39 19.69
C ARG A 21 23.36 4.29 20.12
N LEU A 22 22.85 3.28 20.81
CA LEU A 22 23.68 2.13 21.22
C LEU A 22 24.37 1.46 20.05
N ARG A 23 23.69 1.44 18.91
CA ARG A 23 24.21 0.79 17.71
C ARG A 23 25.09 1.70 16.87
N GLY A 24 25.21 2.96 17.25
CA GLY A 24 26.11 3.86 16.55
C GLY A 24 25.52 4.44 15.27
N ILE A 25 24.21 4.38 15.15
CA ILE A 25 23.52 4.87 13.98
C ILE A 25 23.12 6.32 14.19
N SER A 26 23.75 7.25 13.48
CA SER A 26 23.49 8.67 13.71
C SER A 26 22.33 9.16 12.84
N ASN A 27 21.66 10.23 13.27
CA ASN A 27 20.50 10.72 12.54
C ASN A 27 20.89 11.34 11.21
N SER A 28 22.20 11.44 10.97
CA SER A 28 22.72 12.00 9.73
C SER A 28 22.62 11.02 8.57
N ILE A 29 22.61 9.72 8.86
CA ILE A 29 22.59 8.72 7.79
C ILE A 29 21.29 8.82 6.99
N THR A 30 21.31 8.29 5.76
CA THR A 30 20.28 8.57 4.78
C THR A 30 18.89 8.00 5.12
N ASP A 31 18.84 6.81 5.70
CA ASP A 31 17.57 6.15 5.96
C ASP A 31 17.12 6.24 7.42
N TYR A 32 17.73 7.15 8.19
CA TYR A 32 17.48 7.22 9.63
C TYR A 32 16.02 7.46 9.99
N GLN A 33 15.39 8.46 9.37
CA GLN A 33 14.00 8.78 9.67
C GLN A 33 13.04 7.66 9.27
N LYS A 34 13.29 7.00 8.14
CA LYS A 34 12.44 5.87 7.75
C LYS A 34 12.63 4.72 8.72
N LEU A 35 13.88 4.55 9.16
CA LEU A 35 14.20 3.52 10.14
C LEU A 35 13.47 3.82 11.46
N TYR A 36 13.50 5.09 11.88
CA TYR A 36 12.78 5.47 13.09
C TYR A 36 11.28 5.21 12.91
N LYS A 37 10.76 5.65 11.78
CA LYS A 37 9.31 5.66 11.56
C LYS A 37 8.75 4.25 11.45
N ILE A 38 9.43 3.38 10.71
CA ILE A 38 8.90 2.04 10.51
C ILE A 38 9.04 1.23 11.81
N THR A 39 10.09 1.49 12.59
CA THR A 39 10.19 0.83 13.90
C THR A 39 9.10 1.32 14.86
N PHE A 40 8.86 2.64 14.86
CA PHE A 40 7.80 3.22 15.69
C PHE A 40 6.46 2.56 15.34
N ASP A 41 6.11 2.54 14.06
CA ASP A 41 4.82 2.02 13.66
C ASP A 41 4.69 0.52 13.88
N ALA A 42 5.76 -0.22 13.66
CA ALA A 42 5.74 -1.66 13.87
C ALA A 42 5.62 -1.97 15.36
N ALA A 43 6.19 -1.11 16.21
CA ALA A 43 6.06 -1.36 17.65
C ALA A 43 4.65 -1.05 18.13
N GLU A 44 4.07 0.02 17.60
CA GLU A 44 2.68 0.35 17.92
C GLU A 44 1.76 -0.77 17.47
N PHE A 45 2.03 -1.29 16.29
CA PHE A 45 1.23 -2.38 15.77
C PHE A 45 1.33 -3.64 16.64
N THR A 46 2.53 -3.97 17.05
CA THR A 46 2.77 -5.17 17.87
C THR A 46 1.87 -5.16 19.11
N HIS A 47 1.73 -3.99 19.72
CA HIS A 47 0.94 -3.87 20.95
C HIS A 47 -0.46 -3.28 20.70
N ARG A 48 -0.95 -3.40 19.47
CA ARG A 48 -2.21 -2.77 19.06
C ARG A 48 -3.39 -3.11 19.99
N ASP A 49 -3.51 -4.38 20.35
CA ASP A 49 -4.70 -4.82 21.08
C ASP A 49 -4.76 -4.23 22.47
N GLU A 50 -3.66 -4.34 23.20
CA GLU A 50 -3.59 -3.75 24.53
C GLU A 50 -3.73 -2.23 24.48
N LEU A 51 -3.05 -1.59 23.53
CA LEU A 51 -3.15 -0.15 23.39
C LEU A 51 -4.59 0.29 23.16
N LYS A 52 -5.32 -0.46 22.36
CA LYS A 52 -6.74 -0.14 22.14
C LYS A 52 -7.54 -0.26 23.42
N ARG A 53 -7.37 -1.38 24.14
CA ARG A 53 -8.09 -1.55 25.40
C ARG A 53 -7.74 -0.43 26.36
N ILE A 54 -6.45 -0.08 26.44
CA ILE A 54 -6.02 1.03 27.28
C ILE A 54 -6.70 2.35 26.92
N SER A 55 -6.78 2.68 25.63
CA SER A 55 -7.43 3.91 25.22
C SER A 55 -8.92 3.90 25.60
N MET A 56 -9.45 2.69 25.77
CA MET A 56 -10.87 2.52 26.10
C MET A 56 -11.12 2.38 27.60
N GLY A 57 -10.07 2.42 28.40
CA GLY A 57 -10.21 2.50 29.85
C GLY A 57 -10.00 1.22 30.64
N SER A 58 -9.27 0.27 30.05
CA SER A 58 -8.99 -1.01 30.70
C SER A 58 -8.10 -0.87 31.93
N GLY A 59 -7.38 0.24 32.02
CA GLY A 59 -6.47 0.47 33.13
C GLY A 59 -5.14 -0.26 33.00
N GLU A 60 -4.91 -0.89 31.85
CA GLU A 60 -3.67 -1.63 31.65
C GLU A 60 -2.49 -0.72 31.32
N GLU A 61 -1.31 -1.32 31.22
CA GLU A 61 -0.11 -0.61 30.86
C GLU A 61 0.85 -1.61 30.24
N VAL A 62 1.33 -1.31 29.03
CA VAL A 62 2.35 -2.15 28.41
C VAL A 62 3.64 -2.01 29.22
N SER A 63 4.23 -3.14 29.58
CA SER A 63 5.38 -3.09 30.48
C SER A 63 6.63 -2.66 29.72
N PHE A 64 7.55 -2.02 30.43
CA PHE A 64 8.83 -1.65 29.84
C PHE A 64 9.51 -2.84 29.18
N GLU A 65 9.56 -3.96 29.90
CA GLU A 65 10.18 -5.18 29.41
C GLU A 65 9.67 -5.60 28.05
N SER A 66 8.34 -5.69 27.93
CA SER A 66 7.72 -6.17 26.72
C SER A 66 8.01 -5.21 25.57
N LEU A 67 7.87 -3.91 25.84
CA LEU A 67 8.09 -2.90 24.81
C LEU A 67 9.56 -2.88 24.39
N GLN A 68 10.46 -2.99 25.36
CA GLN A 68 11.89 -3.05 25.04
C GLN A 68 12.21 -4.25 24.16
N GLU A 69 11.61 -5.41 24.45
CA GLU A 69 11.83 -6.60 23.64
C GLU A 69 11.34 -6.38 22.21
N THR A 70 10.19 -5.74 22.10
CA THR A 70 9.65 -5.39 20.78
C THR A 70 10.61 -4.51 19.97
N VAL A 71 11.06 -3.42 20.59
CA VAL A 71 11.97 -2.51 19.92
C VAL A 71 13.26 -3.22 19.56
N GLU A 72 13.78 -4.04 20.45
CA GLU A 72 15.03 -4.75 20.16
C GLU A 72 14.88 -5.76 19.02
N THR A 73 13.79 -6.51 19.01
CA THR A 73 13.50 -7.43 17.91
C THR A 73 13.49 -6.69 16.57
N LEU A 74 12.76 -5.58 16.51
CA LEU A 74 12.69 -4.78 15.27
C LEU A 74 14.04 -4.16 14.86
N LEU A 75 14.75 -3.56 15.81
CA LEU A 75 16.00 -2.91 15.45
C LEU A 75 17.05 -3.92 15.04
N LYS A 76 17.05 -5.08 15.68
CA LYS A 76 17.98 -6.14 15.29
C LYS A 76 17.71 -6.59 13.85
N LEU A 77 16.43 -6.78 13.54
CA LEU A 77 16.03 -7.18 12.20
C LEU A 77 16.36 -6.10 11.18
N PHE A 78 16.09 -4.84 11.54
CA PHE A 78 16.18 -3.73 10.61
C PHE A 78 17.59 -3.16 10.42
N THR A 79 18.52 -3.48 11.30
CA THR A 79 19.88 -2.90 11.19
C THR A 79 20.97 -3.93 10.87
N LYS A 80 20.56 -5.09 10.36
CA LYS A 80 21.47 -6.20 10.02
C LYS A 80 22.77 -5.80 9.30
N SER A 81 22.72 -4.76 8.47
CA SER A 81 23.92 -4.29 7.76
C SER A 81 25.07 -3.89 8.70
N LYS B 4 14.33 -4.47 -5.93
CA LYS B 4 13.06 -5.13 -5.64
C LYS B 4 12.56 -5.83 -6.89
N ARG B 5 13.07 -7.03 -7.13
CA ARG B 5 12.63 -7.81 -8.26
C ARG B 5 11.29 -8.52 -7.97
N LEU B 6 10.65 -9.00 -9.04
CA LEU B 6 9.32 -9.58 -8.94
C LEU B 6 9.36 -10.91 -8.20
N GLN B 7 10.43 -11.67 -8.40
CA GLN B 7 10.58 -12.95 -7.72
C GLN B 7 10.57 -12.76 -6.20
N PHE B 8 11.28 -11.74 -5.72
CA PHE B 8 11.29 -11.44 -4.29
C PHE B 8 9.87 -11.15 -3.82
N ASN B 9 9.18 -10.32 -4.58
CA ASN B 9 7.80 -9.94 -4.28
C ASN B 9 6.91 -11.18 -4.09
N GLU B 10 6.98 -12.07 -5.06
CA GLU B 10 6.09 -13.23 -5.09
C GLU B 10 6.43 -14.22 -3.99
N THR B 11 7.72 -14.38 -3.71
CA THR B 11 8.18 -15.27 -2.66
C THR B 11 7.78 -14.74 -1.28
N LEU B 12 7.95 -13.44 -1.11
CA LEU B 12 7.55 -12.79 0.14
C LEU B 12 6.04 -12.93 0.35
N SER B 13 5.27 -12.63 -0.67
CA SER B 13 3.81 -12.73 -0.57
C SER B 13 3.39 -14.15 -0.18
N LYS B 14 3.97 -15.15 -0.82
CA LYS B 14 3.67 -16.55 -0.49
C LYS B 14 4.03 -16.89 0.95
N LEU B 15 5.17 -16.40 1.42
CA LEU B 15 5.57 -16.70 2.79
C LEU B 15 4.64 -16.10 3.81
N ILE B 16 4.12 -14.91 3.53
CA ILE B 16 3.22 -14.26 4.48
C ILE B 16 1.84 -14.92 4.42
N LEU B 17 1.33 -15.16 3.21
CA LEU B 17 0.07 -15.91 3.06
C LEU B 17 0.13 -17.23 3.84
N GLY B 18 1.19 -18.00 3.62
CA GLY B 18 1.39 -19.28 4.29
C GLY B 18 1.56 -19.16 5.79
N GLY B 19 2.27 -18.13 6.23
CA GLY B 19 2.49 -17.91 7.64
C GLY B 19 1.18 -17.57 8.34
N LEU B 20 0.34 -16.81 7.66
CA LEU B 20 -0.95 -16.41 8.22
C LEU B 20 -1.91 -17.61 8.26
N ARG B 21 -1.95 -18.35 7.16
CA ARG B 21 -2.80 -19.55 7.07
C ARG B 21 -2.37 -20.58 8.11
N LEU B 22 -1.07 -20.79 8.25
CA LEU B 22 -0.51 -21.70 9.24
C LEU B 22 -0.97 -21.32 10.66
N ARG B 23 -1.29 -20.03 10.86
CA ARG B 23 -1.75 -19.57 12.16
C ARG B 23 -3.28 -19.48 12.26
N GLY B 24 -3.99 -19.96 11.24
CA GLY B 24 -5.44 -19.93 11.25
C GLY B 24 -6.01 -18.53 11.23
N ILE B 25 -5.25 -17.60 10.66
CA ILE B 25 -5.67 -16.22 10.50
C ILE B 25 -6.30 -16.03 9.13
N SER B 26 -7.62 -15.82 9.09
CA SER B 26 -8.35 -15.80 7.82
C SER B 26 -8.42 -14.41 7.19
N ASN B 27 -8.46 -14.36 5.86
CA ASN B 27 -8.42 -13.09 5.14
C ASN B 27 -9.74 -12.32 5.23
N SER B 28 -10.66 -12.83 6.03
CA SER B 28 -11.96 -12.21 6.20
C SER B 28 -12.09 -11.54 7.56
N ILE B 29 -10.99 -11.44 8.30
CA ILE B 29 -11.01 -10.71 9.57
C ILE B 29 -10.48 -9.28 9.40
N THR B 30 -10.88 -8.42 10.33
CA THR B 30 -10.70 -6.98 10.22
C THR B 30 -9.27 -6.51 10.02
N ASP B 31 -8.31 -7.14 10.68
CA ASP B 31 -6.94 -6.64 10.64
C ASP B 31 -5.98 -7.55 9.85
N TYR B 32 -6.52 -8.53 9.13
CA TYR B 32 -5.71 -9.39 8.27
C TYR B 32 -4.93 -8.56 7.25
N GLN B 33 -5.64 -7.63 6.61
CA GLN B 33 -5.03 -6.76 5.60
C GLN B 33 -3.94 -5.87 6.19
N LYS B 34 -4.18 -5.38 7.40
CA LYS B 34 -3.22 -4.51 8.06
C LYS B 34 -2.01 -5.33 8.48
N LEU B 35 -2.27 -6.53 8.97
CA LEU B 35 -1.23 -7.46 9.39
C LEU B 35 -0.36 -7.85 8.20
N TYR B 36 -0.98 -8.18 7.07
CA TYR B 36 -0.24 -8.52 5.86
C TYR B 36 0.64 -7.37 5.41
N LYS B 37 0.04 -6.18 5.36
CA LYS B 37 0.73 -5.01 4.81
C LYS B 37 1.95 -4.64 5.64
N ILE B 38 1.80 -4.56 6.96
CA ILE B 38 2.94 -4.13 7.76
C ILE B 38 4.04 -5.22 7.77
N THR B 39 3.66 -6.49 7.73
CA THR B 39 4.64 -7.56 7.60
C THR B 39 5.37 -7.44 6.27
N PHE B 40 4.61 -7.24 5.22
CA PHE B 40 5.20 -7.09 3.89
C PHE B 40 6.15 -5.90 3.81
N ASP B 41 5.69 -4.74 4.26
CA ASP B 41 6.52 -3.54 4.27
C ASP B 41 7.77 -3.71 5.13
N ALA B 42 7.62 -4.30 6.31
CA ALA B 42 8.75 -4.54 7.20
C ALA B 42 9.76 -5.53 6.63
N ALA B 43 9.27 -6.55 5.92
CA ALA B 43 10.15 -7.54 5.30
C ALA B 43 10.93 -6.92 4.15
N GLU B 44 10.28 -6.06 3.39
CA GLU B 44 10.97 -5.32 2.33
C GLU B 44 12.05 -4.45 2.93
N PHE B 45 11.71 -3.75 4.01
CA PHE B 45 12.64 -2.82 4.61
C PHE B 45 13.84 -3.59 5.18
N THR B 46 13.57 -4.77 5.71
CA THR B 46 14.62 -5.63 6.26
C THR B 46 15.67 -5.98 5.19
N HIS B 47 15.20 -6.25 3.98
CA HIS B 47 16.09 -6.65 2.88
C HIS B 47 16.37 -5.51 1.91
N ARG B 48 16.22 -4.28 2.40
CA ARG B 48 16.25 -3.11 1.52
C ARG B 48 17.58 -2.97 0.79
N ASP B 49 18.67 -3.34 1.45
CA ASP B 49 19.97 -3.09 0.85
C ASP B 49 20.16 -3.99 -0.37
N GLU B 50 19.85 -5.28 -0.24
CA GLU B 50 19.99 -6.19 -1.34
C GLU B 50 18.98 -5.87 -2.46
N LEU B 51 17.76 -5.50 -2.08
CA LEU B 51 16.79 -5.08 -3.09
C LEU B 51 17.34 -3.91 -3.89
N LYS B 52 18.00 -2.97 -3.23
CA LYS B 52 18.58 -1.84 -3.96
C LYS B 52 19.71 -2.30 -4.88
N ARG B 53 20.56 -3.19 -4.38
CA ARG B 53 21.66 -3.71 -5.20
C ARG B 53 21.14 -4.46 -6.43
N ILE B 54 20.06 -5.22 -6.23
CA ILE B 54 19.39 -5.93 -7.31
C ILE B 54 18.92 -4.94 -8.37
N SER B 55 18.24 -3.89 -7.90
CA SER B 55 17.82 -2.80 -8.78
C SER B 55 19.01 -2.11 -9.45
N MET B 56 20.21 -2.23 -8.87
CA MET B 56 21.42 -1.61 -9.41
C MET B 56 22.20 -2.58 -10.30
N GLY B 57 21.59 -3.73 -10.61
CA GLY B 57 22.17 -4.67 -11.54
C GLY B 57 23.26 -5.55 -10.94
N SER B 58 23.17 -5.82 -9.64
CA SER B 58 24.12 -6.71 -8.99
C SER B 58 23.88 -8.16 -9.41
N GLY B 59 22.75 -8.40 -10.07
CA GLY B 59 22.41 -9.73 -10.52
C GLY B 59 22.22 -10.67 -9.34
N GLU B 60 21.87 -10.09 -8.20
CA GLU B 60 21.69 -10.86 -6.98
C GLU B 60 20.30 -11.43 -6.86
N GLU B 61 20.12 -12.25 -5.85
CA GLU B 61 18.84 -12.84 -5.54
C GLU B 61 18.77 -13.02 -4.04
N VAL B 62 17.72 -12.48 -3.42
CA VAL B 62 17.52 -12.66 -1.98
C VAL B 62 17.19 -14.12 -1.73
N SER B 63 17.91 -14.75 -0.80
CA SER B 63 17.72 -16.18 -0.63
C SER B 63 16.38 -16.46 0.03
N PHE B 64 15.75 -17.55 -0.39
CA PHE B 64 14.51 -17.97 0.22
C PHE B 64 14.66 -18.18 1.72
N GLU B 65 15.75 -18.80 2.12
CA GLU B 65 15.93 -19.13 3.52
C GLU B 65 16.00 -17.88 4.41
N SER B 66 16.70 -16.84 3.94
CA SER B 66 16.81 -15.63 4.75
C SER B 66 15.46 -14.92 4.85
N LEU B 67 14.72 -14.88 3.74
CA LEU B 67 13.40 -14.28 3.70
C LEU B 67 12.41 -15.06 4.58
N GLN B 68 12.56 -16.38 4.60
CA GLN B 68 11.76 -17.22 5.48
C GLN B 68 11.98 -16.85 6.96
N GLU B 69 13.23 -16.59 7.35
CA GLU B 69 13.50 -16.15 8.73
C GLU B 69 12.88 -14.79 9.04
N THR B 70 13.01 -13.86 8.10
CA THR B 70 12.48 -12.50 8.26
C THR B 70 10.98 -12.56 8.52
N VAL B 71 10.28 -13.28 7.65
CA VAL B 71 8.82 -13.38 7.77
C VAL B 71 8.43 -14.05 9.10
N GLU B 72 9.11 -15.13 9.45
CA GLU B 72 8.79 -15.79 10.73
C GLU B 72 9.04 -14.86 11.93
N THR B 73 10.13 -14.10 11.91
CA THR B 73 10.40 -13.16 12.99
C THR B 73 9.28 -12.11 13.12
N LEU B 74 8.89 -11.54 11.99
CA LEU B 74 7.84 -10.53 11.97
C LEU B 74 6.46 -11.07 12.37
N LEU B 75 6.09 -12.24 11.85
CA LEU B 75 4.77 -12.79 12.19
C LEU B 75 4.72 -13.23 13.64
N LYS B 76 5.84 -13.76 14.14
CA LYS B 76 5.92 -14.11 15.55
C LYS B 76 5.67 -12.89 16.42
N LEU B 77 6.36 -11.80 16.09
CA LEU B 77 6.20 -10.53 16.80
C LEU B 77 4.78 -9.98 16.68
N PHE B 78 4.22 -9.97 15.48
CA PHE B 78 2.97 -9.28 15.20
C PHE B 78 1.70 -10.07 15.57
N THR B 79 1.84 -11.36 15.87
CA THR B 79 0.66 -12.18 16.15
C THR B 79 0.64 -12.83 17.53
N LYS B 80 1.47 -12.34 18.44
CA LYS B 80 1.49 -12.91 19.79
C LYS B 80 0.17 -12.63 20.53
N SER B 81 -0.44 -11.49 20.29
CA SER B 81 -1.70 -11.15 20.95
C SER B 81 -2.89 -11.89 20.31
N LEU B 82 -2.76 -12.20 19.02
CA LEU B 82 -3.78 -12.93 18.32
C LEU B 82 -3.85 -14.36 18.84
N LYS C 4 5.98 0.44 -24.14
CA LYS C 4 5.11 -0.40 -23.30
C LYS C 4 5.53 -1.85 -23.45
N ARG C 5 6.39 -2.31 -22.56
CA ARG C 5 7.07 -3.58 -22.77
C ARG C 5 6.44 -4.76 -22.05
N LEU C 6 6.78 -5.94 -22.55
CA LEU C 6 6.25 -7.20 -22.07
C LEU C 6 6.39 -7.37 -20.56
N GLN C 7 7.53 -6.98 -20.02
CA GLN C 7 7.81 -7.11 -18.59
C GLN C 7 6.85 -6.27 -17.76
N PHE C 8 6.63 -5.03 -18.17
CA PHE C 8 5.68 -4.16 -17.47
C PHE C 8 4.31 -4.83 -17.42
N ASN C 9 3.82 -5.27 -18.58
CA ASN C 9 2.48 -5.85 -18.66
C ASN C 9 2.33 -7.07 -17.75
N GLU C 10 3.35 -7.91 -17.73
CA GLU C 10 3.25 -9.14 -16.96
C GLU C 10 3.40 -8.87 -15.45
N THR C 11 4.25 -7.93 -15.07
CA THR C 11 4.42 -7.57 -13.66
C THR C 11 3.14 -6.91 -13.15
N LEU C 12 2.56 -6.02 -13.96
CA LEU C 12 1.33 -5.33 -13.57
C LEU C 12 0.23 -6.34 -13.25
N SER C 13 0.09 -7.33 -14.13
CA SER C 13 -0.90 -8.38 -13.92
C SER C 13 -0.72 -9.06 -12.59
N LYS C 14 0.51 -9.43 -12.26
CA LYS C 14 0.81 -10.13 -11.03
C LYS C 14 0.60 -9.27 -9.79
N LEU C 15 0.91 -7.98 -9.90
CA LEU C 15 0.71 -7.09 -8.77
C LEU C 15 -0.77 -6.93 -8.50
N ILE C 16 -1.58 -6.84 -9.55
CA ILE C 16 -3.03 -6.70 -9.34
C ILE C 16 -3.62 -7.98 -8.73
N LEU C 17 -3.25 -9.13 -9.29
CA LEU C 17 -3.64 -10.42 -8.69
C LEU C 17 -3.34 -10.53 -7.20
N GLY C 18 -2.12 -10.18 -6.83
CA GLY C 18 -1.69 -10.30 -5.45
C GLY C 18 -2.35 -9.32 -4.51
N GLY C 19 -2.70 -8.15 -5.02
CA GLY C 19 -3.36 -7.14 -4.21
C GLY C 19 -4.80 -7.55 -3.99
N LEU C 20 -5.34 -8.26 -4.98
CA LEU C 20 -6.72 -8.74 -4.92
C LEU C 20 -6.76 -10.02 -4.12
N ARG C 21 -5.60 -10.49 -3.66
CA ARG C 21 -5.52 -11.68 -2.79
C ARG C 21 -5.33 -11.30 -1.31
N LEU C 22 -4.63 -10.21 -1.03
CA LEU C 22 -4.36 -9.86 0.36
C LEU C 22 -5.56 -9.17 1.01
N ARG C 23 -6.47 -8.63 0.19
CA ARG C 23 -7.73 -8.05 0.65
C ARG C 23 -8.82 -9.11 0.67
N GLY C 24 -8.48 -10.29 0.16
CA GLY C 24 -9.37 -11.43 0.10
C GLY C 24 -10.54 -11.24 -0.84
N ILE C 25 -10.30 -10.58 -1.97
CA ILE C 25 -11.39 -10.26 -2.90
C ILE C 25 -11.66 -11.39 -3.91
N SER C 26 -12.94 -11.69 -4.12
CA SER C 26 -13.36 -12.69 -5.11
C SER C 26 -14.70 -12.28 -5.71
N ASN C 27 -15.29 -13.17 -6.50
CA ASN C 27 -16.58 -12.90 -7.12
C ASN C 27 -17.74 -13.05 -6.14
N SER C 28 -17.42 -13.48 -4.91
CA SER C 28 -18.42 -13.64 -3.85
C SER C 28 -19.26 -12.38 -3.69
N ILE C 29 -18.61 -11.22 -3.72
CA ILE C 29 -19.31 -9.96 -3.93
C ILE C 29 -19.77 -9.94 -5.39
N THR C 30 -19.04 -9.21 -6.22
CA THR C 30 -19.16 -9.27 -7.67
C THR C 30 -18.01 -8.49 -8.31
N ASP C 31 -18.12 -8.29 -9.61
CA ASP C 31 -17.17 -7.56 -10.46
C ASP C 31 -15.68 -7.69 -10.11
N TYR C 32 -15.21 -8.92 -9.85
CA TYR C 32 -13.76 -9.16 -9.84
C TYR C 32 -13.24 -8.77 -11.22
N GLN C 33 -13.95 -9.19 -12.25
CA GLN C 33 -13.55 -8.90 -13.61
C GLN C 33 -13.44 -7.40 -13.88
N LYS C 34 -14.48 -6.67 -13.49
CA LYS C 34 -14.50 -5.23 -13.71
C LYS C 34 -13.39 -4.55 -12.92
N LEU C 35 -13.18 -5.00 -11.69
CA LEU C 35 -12.16 -4.43 -10.83
C LEU C 35 -10.77 -4.67 -11.42
N TYR C 36 -10.55 -5.87 -11.96
CA TYR C 36 -9.27 -6.20 -12.57
C TYR C 36 -8.99 -5.31 -13.77
N LYS C 37 -9.98 -5.20 -14.67
CA LYS C 37 -9.79 -4.47 -15.90
C LYS C 37 -9.51 -2.98 -15.68
N ILE C 38 -10.31 -2.35 -14.82
CA ILE C 38 -10.16 -0.90 -14.66
C ILE C 38 -8.85 -0.59 -13.90
N THR C 39 -8.46 -1.47 -12.98
CA THR C 39 -7.17 -1.28 -12.33
C THR C 39 -6.03 -1.42 -13.33
N PHE C 40 -6.09 -2.46 -14.15
CA PHE C 40 -5.07 -2.63 -15.19
C PHE C 40 -4.99 -1.42 -16.15
N ASP C 41 -6.13 -1.02 -16.69
CA ASP C 41 -6.19 0.10 -17.64
C ASP C 41 -5.68 1.39 -17.00
N ALA C 42 -6.05 1.60 -15.74
CA ALA C 42 -5.64 2.82 -15.03
C ALA C 42 -4.14 2.80 -14.71
N ALA C 43 -3.60 1.63 -14.38
CA ALA C 43 -2.16 1.54 -14.12
C ALA C 43 -1.34 1.77 -15.37
N GLU C 44 -1.80 1.20 -16.49
CA GLU C 44 -1.18 1.45 -17.77
C GLU C 44 -1.21 2.94 -18.10
N PHE C 45 -2.37 3.55 -17.90
CA PHE C 45 -2.50 4.96 -18.22
C PHE C 45 -1.56 5.83 -17.39
N THR C 46 -1.44 5.49 -16.12
CA THR C 46 -0.55 6.20 -15.19
C THR C 46 0.85 6.34 -15.76
N HIS C 47 1.35 5.26 -16.37
CA HIS C 47 2.71 5.21 -16.88
C HIS C 47 2.82 5.42 -18.40
N ARG C 48 1.75 5.97 -18.99
CA ARG C 48 1.62 6.01 -20.46
C ARG C 48 2.79 6.69 -21.19
N ASP C 49 3.30 7.78 -20.64
CA ASP C 49 4.35 8.52 -21.33
C ASP C 49 5.62 7.69 -21.43
N GLU C 50 6.07 7.15 -20.29
CA GLU C 50 7.29 6.36 -20.25
C GLU C 50 7.13 5.09 -21.09
N LEU C 51 5.95 4.47 -21.04
CA LEU C 51 5.70 3.27 -21.85
C LEU C 51 5.75 3.58 -23.34
N LYS C 52 5.25 4.75 -23.72
CA LYS C 52 5.30 5.20 -25.12
C LYS C 52 6.75 5.35 -25.60
N ARG C 53 7.60 5.93 -24.76
CA ARG C 53 9.02 6.08 -25.08
C ARG C 53 9.70 4.72 -25.19
N ILE C 54 9.41 3.82 -24.26
CA ILE C 54 9.94 2.46 -24.30
C ILE C 54 9.53 1.77 -25.61
N SER C 55 8.27 1.95 -26.01
CA SER C 55 7.76 1.35 -27.25
C SER C 55 8.46 1.91 -28.49
N MET C 56 9.10 3.07 -28.35
CA MET C 56 9.84 3.66 -29.48
C MET C 56 11.34 3.41 -29.31
N GLY C 57 11.71 2.62 -28.30
CA GLY C 57 13.09 2.17 -28.14
C GLY C 57 13.98 3.03 -27.26
N SER C 58 13.43 3.59 -26.18
CA SER C 58 14.21 4.42 -25.27
C SER C 58 15.07 3.59 -24.33
N GLY C 59 14.73 2.31 -24.17
CA GLY C 59 15.46 1.44 -23.26
C GLY C 59 15.26 1.78 -21.79
N GLU C 60 14.29 2.63 -21.50
CA GLU C 60 13.92 2.94 -20.11
C GLU C 60 13.19 1.76 -19.50
N GLU C 61 12.98 1.83 -18.20
CA GLU C 61 12.19 0.83 -17.50
C GLU C 61 11.47 1.48 -16.35
N VAL C 62 10.15 1.26 -16.29
CA VAL C 62 9.38 1.67 -15.13
C VAL C 62 9.94 0.91 -13.93
N SER C 63 10.28 1.64 -12.87
CA SER C 63 10.83 1.00 -11.67
C SER C 63 9.75 0.15 -10.99
N PHE C 64 10.16 -0.97 -10.41
CA PHE C 64 9.21 -1.83 -9.74
C PHE C 64 8.48 -1.06 -8.66
N GLU C 65 9.24 -0.29 -7.91
CA GLU C 65 8.70 0.46 -6.80
C GLU C 65 7.59 1.44 -7.23
N SER C 66 7.78 2.11 -8.37
CA SER C 66 6.80 3.08 -8.82
C SER C 66 5.52 2.39 -9.27
N LEU C 67 5.65 1.26 -9.96
CA LEU C 67 4.49 0.50 -10.42
C LEU C 67 3.75 -0.04 -9.22
N GLN C 68 4.51 -0.46 -8.21
CA GLN C 68 3.98 -0.93 -6.95
C GLN C 68 3.09 0.13 -6.31
N GLU C 69 3.57 1.37 -6.30
CA GLU C 69 2.83 2.49 -5.74
C GLU C 69 1.54 2.71 -6.50
N THR C 70 1.62 2.62 -7.83
CA THR C 70 0.47 2.87 -8.68
C THR C 70 -0.65 1.90 -8.37
N VAL C 71 -0.28 0.61 -8.33
CA VAL C 71 -1.26 -0.42 -8.08
C VAL C 71 -1.88 -0.27 -6.69
N GLU C 72 -1.07 0.02 -5.68
CA GLU C 72 -1.62 0.19 -4.33
C GLU C 72 -2.56 1.39 -4.24
N THR C 73 -2.21 2.49 -4.91
CA THR C 73 -3.09 3.67 -4.92
C THR C 73 -4.44 3.31 -5.53
N LEU C 74 -4.39 2.63 -6.67
CA LEU C 74 -5.63 2.24 -7.36
C LEU C 74 -6.45 1.24 -6.55
N LEU C 75 -5.81 0.18 -6.02
CA LEU C 75 -6.58 -0.80 -5.27
C LEU C 75 -7.14 -0.20 -3.98
N LYS C 76 -6.38 0.68 -3.34
CA LYS C 76 -6.91 1.34 -2.15
C LYS C 76 -8.15 2.15 -2.50
N LEU C 77 -8.06 2.95 -3.55
CA LEU C 77 -9.18 3.76 -3.98
C LEU C 77 -10.39 2.88 -4.38
N PHE C 78 -10.14 1.84 -5.17
CA PHE C 78 -11.22 1.04 -5.77
C PHE C 78 -11.85 0.02 -4.83
N THR C 79 -11.21 -0.27 -3.70
CA THR C 79 -11.73 -1.33 -2.83
C THR C 79 -12.06 -0.85 -1.42
N LYS C 80 -12.07 0.46 -1.22
CA LYS C 80 -12.37 1.00 0.10
C LYS C 80 -13.75 0.58 0.60
N SER C 81 -14.69 0.43 -0.33
CA SER C 81 -16.07 0.09 0.03
C SER C 81 -16.24 -1.38 0.39
N LEU C 82 -15.42 -2.24 -0.21
CA LEU C 82 -15.48 -3.67 0.07
C LEU C 82 -14.95 -3.97 1.47
N LYS D 4 -27.12 6.17 -8.01
CA LYS D 4 -26.52 6.85 -9.15
C LYS D 4 -27.48 7.92 -9.64
N ARG D 5 -27.03 9.17 -9.66
CA ARG D 5 -27.87 10.26 -10.09
C ARG D 5 -27.13 11.30 -10.92
N LEU D 6 -27.93 12.21 -11.47
CA LEU D 6 -27.45 13.20 -12.40
C LEU D 6 -26.52 14.15 -11.70
N GLN D 7 -26.85 14.52 -10.46
CA GLN D 7 -26.05 15.47 -9.71
C GLN D 7 -24.63 14.97 -9.48
N PHE D 8 -24.48 13.69 -9.16
CA PHE D 8 -23.14 13.09 -9.04
C PHE D 8 -22.36 13.27 -10.34
N ASN D 9 -22.99 12.89 -11.44
CA ASN D 9 -22.36 12.97 -12.76
C ASN D 9 -21.98 14.40 -13.13
N GLU D 10 -22.90 15.34 -12.91
CA GLU D 10 -22.62 16.75 -13.23
C GLU D 10 -21.48 17.28 -12.38
N THR D 11 -21.52 16.98 -11.09
CA THR D 11 -20.46 17.43 -10.18
C THR D 11 -19.09 16.82 -10.53
N LEU D 12 -19.09 15.54 -10.84
CA LEU D 12 -17.87 14.86 -11.27
C LEU D 12 -17.26 15.49 -12.52
N SER D 13 -18.08 15.66 -13.56
CA SER D 13 -17.61 16.28 -14.80
C SER D 13 -16.93 17.62 -14.52
N LYS D 14 -17.59 18.47 -13.74
CA LYS D 14 -17.06 19.78 -13.42
C LYS D 14 -15.80 19.68 -12.55
N LEU D 15 -15.74 18.69 -11.66
CA LEU D 15 -14.53 18.49 -10.83
C LEU D 15 -13.33 18.12 -11.69
N ILE D 16 -13.55 17.25 -12.66
CA ILE D 16 -12.47 16.86 -13.57
C ILE D 16 -12.05 18.02 -14.45
N LEU D 17 -13.02 18.67 -15.09
CA LEU D 17 -12.73 19.79 -15.97
C LEU D 17 -11.95 20.86 -15.23
N GLY D 18 -12.38 21.16 -14.00
CA GLY D 18 -11.69 22.07 -13.11
C GLY D 18 -10.30 21.64 -12.69
N GLY D 19 -10.12 20.37 -12.34
CA GLY D 19 -8.83 19.86 -11.92
C GLY D 19 -7.81 19.87 -13.03
N LEU D 20 -8.28 19.68 -14.26
CA LEU D 20 -7.42 19.72 -15.42
C LEU D 20 -6.99 21.16 -15.71
N ARG D 21 -7.91 22.10 -15.53
CA ARG D 21 -7.61 23.52 -15.72
C ARG D 21 -6.56 23.99 -14.72
N LEU D 22 -6.73 23.59 -13.47
CA LEU D 22 -5.82 23.96 -12.41
C LEU D 22 -4.43 23.36 -12.61
N ARG D 23 -4.36 22.30 -13.39
CA ARG D 23 -3.08 21.67 -13.69
C ARG D 23 -2.52 22.09 -15.06
N GLY D 24 -3.17 23.07 -15.68
CA GLY D 24 -2.67 23.64 -16.92
C GLY D 24 -2.79 22.72 -18.11
N ILE D 25 -3.74 21.80 -18.05
CA ILE D 25 -3.91 20.81 -19.12
C ILE D 25 -5.00 21.24 -20.08
N SER D 26 -4.61 21.66 -21.27
CA SER D 26 -5.56 22.25 -22.21
C SER D 26 -6.19 21.19 -23.09
N ASN D 27 -7.38 21.50 -23.60
CA ASN D 27 -8.09 20.55 -24.44
C ASN D 27 -7.54 20.51 -25.87
N SER D 28 -6.41 21.18 -26.09
CA SER D 28 -5.76 21.21 -27.39
C SER D 28 -4.88 19.98 -27.61
N ILE D 29 -4.44 19.35 -26.52
CA ILE D 29 -3.59 18.17 -26.66
C ILE D 29 -4.41 16.88 -26.60
N THR D 30 -3.81 15.81 -27.09
CA THR D 30 -4.52 14.55 -27.29
C THR D 30 -4.96 13.87 -26.00
N ASP D 31 -4.13 13.91 -24.96
CA ASP D 31 -4.48 13.12 -23.78
C ASP D 31 -5.45 13.85 -22.83
N TYR D 32 -5.83 15.08 -23.14
CA TYR D 32 -6.88 15.75 -22.37
C TYR D 32 -8.17 14.91 -22.36
N GLN D 33 -8.61 14.48 -23.54
CA GLN D 33 -9.83 13.72 -23.68
C GLN D 33 -9.70 12.35 -23.00
N LYS D 34 -8.55 11.72 -23.19
CA LYS D 34 -8.27 10.42 -22.58
C LYS D 34 -8.32 10.54 -21.06
N LEU D 35 -7.69 11.59 -20.57
CA LEU D 35 -7.61 11.90 -19.15
C LEU D 35 -9.00 12.10 -18.57
N TYR D 36 -9.81 12.90 -19.28
CA TYR D 36 -11.18 13.13 -18.85
C TYR D 36 -11.97 11.83 -18.73
N LYS D 37 -11.91 10.99 -19.75
CA LYS D 37 -12.74 9.78 -19.78
C LYS D 37 -12.31 8.79 -18.71
N ILE D 38 -11.01 8.53 -18.58
CA ILE D 38 -10.59 7.49 -17.64
C ILE D 38 -10.77 7.99 -16.20
N THR D 39 -10.61 9.29 -16.00
CA THR D 39 -10.84 9.84 -14.67
C THR D 39 -12.33 9.76 -14.32
N PHE D 40 -13.19 10.10 -15.28
CA PHE D 40 -14.63 9.98 -15.08
C PHE D 40 -15.03 8.53 -14.74
N ASP D 41 -14.58 7.61 -15.57
CA ASP D 41 -14.93 6.20 -15.39
C ASP D 41 -14.42 5.65 -14.06
N ALA D 42 -13.17 6.00 -13.71
CA ALA D 42 -12.55 5.53 -12.47
C ALA D 42 -13.25 6.10 -11.23
N ALA D 43 -13.69 7.35 -11.31
CA ALA D 43 -14.43 7.95 -10.20
C ALA D 43 -15.82 7.32 -10.04
N GLU D 44 -16.51 7.10 -11.16
CA GLU D 44 -17.78 6.37 -11.13
C GLU D 44 -17.56 4.99 -10.49
N PHE D 45 -16.53 4.28 -10.93
CA PHE D 45 -16.24 2.97 -10.35
C PHE D 45 -15.98 3.03 -8.84
N THR D 46 -15.19 4.02 -8.41
CA THR D 46 -14.86 4.18 -6.99
C THR D 46 -16.12 4.19 -6.14
N HIS D 47 -17.14 4.88 -6.63
CA HIS D 47 -18.35 5.07 -5.84
C HIS D 47 -19.48 4.17 -6.28
N ARG D 48 -19.13 3.07 -6.95
CA ARG D 48 -20.13 2.22 -7.60
C ARG D 48 -21.18 1.66 -6.62
N ASP D 49 -20.75 1.17 -5.45
CA ASP D 49 -21.67 0.55 -4.52
C ASP D 49 -22.72 1.56 -4.05
N GLU D 50 -22.27 2.70 -3.54
CA GLU D 50 -23.22 3.68 -3.04
C GLU D 50 -24.14 4.20 -4.13
N LEU D 51 -23.59 4.41 -5.32
CA LEU D 51 -24.41 4.83 -6.44
C LEU D 51 -25.50 3.80 -6.74
N LYS D 52 -25.15 2.52 -6.71
CA LYS D 52 -26.15 1.48 -6.93
C LYS D 52 -27.23 1.54 -5.85
N ARG D 53 -26.82 1.67 -4.58
CA ARG D 53 -27.80 1.70 -3.51
C ARG D 53 -28.70 2.92 -3.65
N ILE D 54 -28.12 4.05 -4.06
CA ILE D 54 -28.92 5.24 -4.29
C ILE D 54 -29.96 4.99 -5.38
N SER D 55 -29.58 4.26 -6.42
CA SER D 55 -30.52 3.86 -7.47
C SER D 55 -31.57 2.87 -7.00
N MET D 56 -31.29 2.19 -5.89
CA MET D 56 -32.25 1.25 -5.34
C MET D 56 -33.15 1.94 -4.31
N GLY D 57 -32.89 3.21 -4.04
CA GLY D 57 -33.70 4.00 -3.14
C GLY D 57 -33.23 4.06 -1.68
N SER D 58 -31.92 4.03 -1.46
CA SER D 58 -31.38 3.98 -0.11
C SER D 58 -31.40 5.32 0.59
N GLY D 59 -31.62 6.37 -0.20
CA GLY D 59 -31.64 7.73 0.32
C GLY D 59 -30.27 8.26 0.73
N GLU D 60 -29.22 7.58 0.30
CA GLU D 60 -27.88 8.06 0.60
C GLU D 60 -27.50 9.19 -0.36
N GLU D 61 -26.35 9.79 -0.12
CA GLU D 61 -25.79 10.76 -1.04
C GLU D 61 -24.28 10.75 -0.94
N VAL D 62 -23.62 10.69 -2.09
CA VAL D 62 -22.17 10.79 -2.11
C VAL D 62 -21.82 12.25 -1.88
N SER D 63 -21.04 12.53 -0.85
CA SER D 63 -20.76 13.91 -0.49
C SER D 63 -19.82 14.54 -1.52
N PHE D 64 -19.94 15.85 -1.73
CA PHE D 64 -19.01 16.55 -2.59
C PHE D 64 -17.58 16.32 -2.10
N GLU D 65 -17.39 16.35 -0.79
CA GLU D 65 -16.06 16.19 -0.22
C GLU D 65 -15.41 14.86 -0.62
N SER D 66 -16.16 13.77 -0.51
CA SER D 66 -15.58 12.46 -0.83
C SER D 66 -15.31 12.34 -2.33
N LEU D 67 -16.21 12.90 -3.15
CA LEU D 67 -16.02 12.83 -4.59
C LEU D 67 -14.85 13.68 -5.03
N GLN D 68 -14.71 14.86 -4.42
CA GLN D 68 -13.54 15.70 -4.69
C GLN D 68 -12.25 14.97 -4.33
N GLU D 69 -12.26 14.23 -3.22
CA GLU D 69 -11.08 13.45 -2.82
C GLU D 69 -10.72 12.40 -3.87
N THR D 70 -11.75 11.71 -4.36
CA THR D 70 -11.57 10.70 -5.39
C THR D 70 -10.95 11.30 -6.65
N VAL D 71 -11.50 12.41 -7.12
CA VAL D 71 -10.97 13.06 -8.30
C VAL D 71 -9.52 13.52 -8.09
N GLU D 72 -9.23 14.06 -6.91
CA GLU D 72 -7.86 14.51 -6.63
C GLU D 72 -6.87 13.35 -6.64
N THR D 73 -7.25 12.24 -6.05
CA THR D 73 -6.42 11.04 -6.05
C THR D 73 -6.11 10.57 -7.47
N LEU D 74 -7.12 10.54 -8.31
CA LEU D 74 -6.95 10.08 -9.69
C LEU D 74 -6.11 11.04 -10.52
N LEU D 75 -6.42 12.34 -10.44
CA LEU D 75 -5.68 13.31 -11.25
C LEU D 75 -4.23 13.40 -10.81
N LYS D 76 -3.97 13.30 -9.51
CA LYS D 76 -2.59 13.28 -9.02
C LYS D 76 -1.83 12.09 -9.62
N LEU D 77 -2.48 10.94 -9.55
CA LEU D 77 -1.89 9.73 -10.12
C LEU D 77 -1.66 9.83 -11.63
N PHE D 78 -2.65 10.33 -12.36
CA PHE D 78 -2.62 10.37 -13.82
C PHE D 78 -1.82 11.52 -14.45
N THR D 79 -1.40 12.50 -13.64
CA THR D 79 -0.65 13.65 -14.20
C THR D 79 0.72 13.87 -13.55
N LYS D 80 1.25 12.85 -12.90
CA LYS D 80 2.57 12.97 -12.29
C LYS D 80 3.65 13.21 -13.35
#